data_3ZDQ
#
_entry.id   3ZDQ
#
_cell.length_a   177.790
_cell.length_b   177.790
_cell.length_c   50.060
_cell.angle_alpha   90.00
_cell.angle_beta   90.00
_cell.angle_gamma   120.00
#
_symmetry.space_group_name_H-M   'P 31 2 1'
#
loop_
_entity.id
_entity.type
_entity.pdbx_description
1 polymer 'ATP-BINDING CASSETTE SUB-FAMILY B MEMBER 10, MITOCHONDRIAL'
2 non-polymer GLYCINE
3 non-polymer DODECYL-BETA-D-MALTOSIDE
4 non-polymer CARDIOLIPIN
5 water water
#
_entity_poly.entity_id   1
_entity_poly.type   'polypeptide(L)'
_entity_poly.pdbx_seq_one_letter_code
;MAGLPEARKLLGLAYPERRRLAAAVGFLTMSSVISMSAPFFLGKIIDVIYTNPTVDYSDNLTRLCLGLSAVFLCGAAANA
IRVYLMQTSGQRIVNRLRTSLFSSILRQEVAFFDKTRTGELINRLSSDTALLGRSVTENLSDGLRAGAQASVGISMMFFV
SPNLATFVLSVVPPVSIIAVIYGRYLRKLTKVTQDSLAQATQLAEERIGNVRTVRAFGKEMTEIEKYASKVDHVMQLARK
EAFARAGFFGATGLSGNLIVLSVLYKGGLLMGSAHMTVGELSSFLMYAFWVGISIGGLSSFYSELMKGLGAGGRLWELLE
REPKLPFNEGVILNEKSFQGALEFKNVHFAYPARPEVPIFQDFSLSIPSGSVTALVGPSGSGKSTVLSLLLRLYDPASGT
ISLDGHDIRQLNPVWLRSKIGTVSQEPILFSCSIAENIAYGADDPSSVTAEEIQRVAEVANAVAFIRNFPQGFNTVVGEK
GVLLSGGQKQRIAIARALLKNPKILLLDEATSALDAENEYLVQEALDRLMDGRTVLVIAHRLSTIKNANMVAVLDQGKIT
EYGKHEELLSKPNGIYRKLMNKQSFISAAENLYFQ
;
_entity_poly.pdbx_strand_id   A
#
# COMPACT_ATOMS: atom_id res chain seq x y z
N GLY A 3 -22.34 2.66 3.87
CA GLY A 3 -23.37 3.67 4.13
C GLY A 3 -23.29 4.26 5.52
N LEU A 4 -24.27 3.91 6.39
CA LEU A 4 -24.35 4.36 7.78
C LEU A 4 -23.17 3.79 8.64
N PRO A 5 -22.76 2.49 8.56
CA PRO A 5 -21.60 2.04 9.38
C PRO A 5 -20.27 2.55 8.83
N GLU A 6 -20.23 2.95 7.53
CA GLU A 6 -19.06 3.49 6.83
C GLU A 6 -18.73 4.89 7.36
N ALA A 7 -19.76 5.76 7.49
CA ALA A 7 -19.65 7.12 8.02
C ALA A 7 -19.32 7.10 9.51
N ARG A 8 -19.80 6.06 10.22
CA ARG A 8 -19.57 5.81 11.64
C ARG A 8 -18.06 5.49 11.88
N LYS A 9 -17.41 4.81 10.92
CA LYS A 9 -15.99 4.46 10.99
C LYS A 9 -15.12 5.71 10.73
N LEU A 10 -15.55 6.60 9.80
CA LEU A 10 -14.87 7.86 9.45
C LEU A 10 -14.97 8.87 10.60
N LEU A 11 -16.05 8.77 11.38
CA LEU A 11 -16.36 9.56 12.58
C LEU A 11 -15.29 9.30 13.64
N GLY A 12 -15.15 8.02 14.03
CA GLY A 12 -14.19 7.55 15.01
C GLY A 12 -12.75 7.76 14.61
N LEU A 13 -12.49 7.82 13.29
CA LEU A 13 -11.17 8.03 12.68
C LEU A 13 -10.64 9.44 13.03
N ALA A 14 -11.52 10.43 12.91
CA ALA A 14 -11.25 11.85 13.19
C ALA A 14 -11.36 12.17 14.68
N TYR A 15 -12.07 11.31 15.45
CA TYR A 15 -12.34 11.48 16.87
C TYR A 15 -11.10 11.80 17.71
N PRO A 16 -9.93 11.10 17.63
CA PRO A 16 -8.82 11.47 18.52
C PRO A 16 -8.34 12.91 18.31
N GLU A 17 -8.65 13.50 17.14
CA GLU A 17 -8.25 14.85 16.73
C GLU A 17 -9.41 15.88 16.77
N ARG A 18 -10.58 15.52 17.34
CA ARG A 18 -11.81 16.32 17.39
C ARG A 18 -11.59 17.79 17.85
N ARG A 19 -10.72 18.05 18.85
CA ARG A 19 -10.45 19.40 19.37
C ARG A 19 -9.63 20.27 18.38
N ARG A 20 -8.68 19.66 17.62
CA ARG A 20 -7.88 20.37 16.60
C ARG A 20 -8.76 20.72 15.40
N LEU A 21 -9.52 19.73 14.91
CA LEU A 21 -10.42 19.87 13.78
C LEU A 21 -11.56 20.85 14.09
N ALA A 22 -12.08 20.86 15.35
CA ALA A 22 -13.11 21.82 15.77
C ALA A 22 -12.53 23.23 15.72
N ALA A 23 -11.32 23.44 16.29
CA ALA A 23 -10.66 24.75 16.27
C ALA A 23 -10.47 25.24 14.82
N ALA A 24 -10.02 24.36 13.90
CA ALA A 24 -9.80 24.67 12.50
C ALA A 24 -11.12 24.99 11.76
N VAL A 25 -12.23 24.25 12.06
CA VAL A 25 -13.56 24.48 11.46
C VAL A 25 -14.08 25.84 11.91
N GLY A 26 -13.82 26.20 13.16
CA GLY A 26 -14.17 27.49 13.74
C GLY A 26 -13.48 28.63 13.01
N PHE A 27 -12.17 28.47 12.70
CA PHE A 27 -11.39 29.44 11.90
C PHE A 27 -11.87 29.48 10.43
N LEU A 28 -12.28 28.31 9.88
CA LEU A 28 -12.82 28.17 8.53
C LEU A 28 -14.20 28.85 8.40
N THR A 29 -15.06 28.75 9.43
CA THR A 29 -16.40 29.34 9.42
C THR A 29 -16.29 30.86 9.52
N MET A 30 -15.44 31.35 10.43
CA MET A 30 -15.17 32.77 10.67
C MET A 30 -14.74 33.45 9.36
N SER A 31 -13.63 32.94 8.76
CA SER A 31 -13.03 33.39 7.52
C SER A 31 -14.01 33.34 6.32
N SER A 32 -14.78 32.24 6.15
CA SER A 32 -15.71 32.05 5.02
C SER A 32 -16.92 32.95 5.10
N VAL A 33 -17.51 33.15 6.29
CA VAL A 33 -18.71 33.97 6.48
C VAL A 33 -18.35 35.48 6.42
N ILE A 34 -17.21 35.91 7.02
CA ILE A 34 -16.76 37.31 6.96
C ILE A 34 -16.45 37.66 5.49
N SER A 35 -15.77 36.75 4.77
CA SER A 35 -15.44 36.84 3.37
C SER A 35 -16.70 37.05 2.50
N MET A 36 -17.80 36.28 2.74
CA MET A 36 -19.10 36.35 2.03
C MET A 36 -19.79 37.74 2.12
N SER A 37 -19.39 38.58 3.07
CA SER A 37 -19.95 39.92 3.29
C SER A 37 -19.40 40.95 2.30
N ALA A 38 -18.18 40.73 1.79
CA ALA A 38 -17.53 41.65 0.84
C ALA A 38 -18.43 42.03 -0.40
N PRO A 39 -19.09 41.12 -1.19
CA PRO A 39 -19.92 41.58 -2.32
C PRO A 39 -21.06 42.51 -1.90
N PHE A 40 -21.64 42.29 -0.71
CA PHE A 40 -22.72 43.10 -0.16
C PHE A 40 -22.23 44.53 0.11
N PHE A 41 -21.10 44.65 0.85
CA PHE A 41 -20.51 45.94 1.21
C PHE A 41 -19.90 46.66 0.01
N LEU A 42 -19.43 45.89 -1.00
CA LEU A 42 -18.89 46.49 -2.22
C LEU A 42 -20.01 47.16 -3.03
N GLY A 43 -21.20 46.53 -3.08
CA GLY A 43 -22.39 47.04 -3.74
C GLY A 43 -22.85 48.37 -3.14
N LYS A 44 -22.72 48.51 -1.81
CA LYS A 44 -23.07 49.73 -1.07
C LYS A 44 -22.09 50.85 -1.42
N ILE A 45 -20.78 50.53 -1.52
CA ILE A 45 -19.72 51.50 -1.87
C ILE A 45 -19.91 51.96 -3.33
N ILE A 46 -20.21 51.00 -4.26
CA ILE A 46 -20.46 51.27 -5.68
C ILE A 46 -21.63 52.28 -5.81
N ASP A 47 -22.72 52.07 -5.05
CA ASP A 47 -23.86 52.97 -5.11
C ASP A 47 -23.53 54.32 -4.44
N VAL A 48 -22.61 54.34 -3.47
CA VAL A 48 -22.22 55.60 -2.81
C VAL A 48 -21.42 56.47 -3.81
N ILE A 49 -20.41 55.89 -4.47
CA ILE A 49 -19.63 56.62 -5.47
C ILE A 49 -20.58 57.17 -6.55
N TYR A 50 -21.45 56.28 -7.10
CA TYR A 50 -22.44 56.61 -8.12
CA TYR A 50 -22.41 56.64 -8.15
C TYR A 50 -23.33 57.79 -7.71
N THR A 51 -23.89 57.75 -6.49
CA THR A 51 -24.78 58.80 -6.00
C THR A 51 -24.04 60.12 -5.74
N ASN A 52 -22.78 60.08 -5.27
CA ASN A 52 -22.04 61.29 -4.91
C ASN A 52 -20.67 61.42 -5.64
N PRO A 53 -20.68 61.77 -6.93
CA PRO A 53 -19.39 61.98 -7.65
C PRO A 53 -18.65 63.28 -7.28
N THR A 54 -19.30 64.20 -6.59
CA THR A 54 -18.71 65.51 -6.25
C THR A 54 -18.11 65.54 -4.84
N VAL A 55 -18.25 64.43 -4.10
CA VAL A 55 -17.81 64.34 -2.71
C VAL A 55 -16.41 63.74 -2.61
N ASP A 56 -15.55 64.38 -1.77
CA ASP A 56 -14.19 63.91 -1.49
C ASP A 56 -14.31 62.71 -0.58
N TYR A 57 -13.79 61.54 -1.02
CA TYR A 57 -13.86 60.28 -0.27
C TYR A 57 -12.49 59.77 0.20
N SER A 58 -11.43 60.61 0.13
CA SER A 58 -10.06 60.28 0.52
C SER A 58 -9.92 59.76 1.95
N ASP A 59 -10.58 60.42 2.93
CA ASP A 59 -10.49 60.03 4.33
C ASP A 59 -11.20 58.73 4.61
N ASN A 60 -12.36 58.52 3.99
CA ASN A 60 -13.10 57.26 4.12
C ASN A 60 -12.29 56.10 3.54
N LEU A 61 -11.69 56.33 2.37
CA LEU A 61 -10.86 55.37 1.65
C LEU A 61 -9.62 55.02 2.47
N THR A 62 -8.90 56.02 3.01
CA THR A 62 -7.73 55.79 3.85
C THR A 62 -8.12 55.01 5.12
N ARG A 63 -9.25 55.36 5.77
CA ARG A 63 -9.71 54.64 6.96
C ARG A 63 -10.12 53.20 6.62
N LEU A 64 -10.84 53.02 5.49
CA LEU A 64 -11.30 51.72 5.01
C LEU A 64 -10.13 50.81 4.66
N CYS A 65 -9.11 51.35 3.97
CA CYS A 65 -7.93 50.61 3.56
C CYS A 65 -7.03 50.30 4.76
N LEU A 66 -7.02 51.16 5.80
CA LEU A 66 -6.27 50.85 7.02
C LEU A 66 -7.03 49.77 7.80
N GLY A 67 -8.36 49.88 7.85
CA GLY A 67 -9.25 48.90 8.47
C GLY A 67 -9.20 47.55 7.77
N LEU A 68 -9.22 47.56 6.41
CA LEU A 68 -9.12 46.31 5.63
C LEU A 68 -7.75 45.64 5.78
N SER A 69 -6.66 46.42 6.00
CA SER A 69 -5.31 45.88 6.26
C SER A 69 -5.34 45.00 7.49
N ALA A 70 -5.98 45.51 8.59
CA ALA A 70 -6.16 44.84 9.87
C ALA A 70 -6.99 43.58 9.69
N VAL A 71 -8.10 43.66 8.90
CA VAL A 71 -8.96 42.50 8.62
C VAL A 71 -8.13 41.42 7.87
N PHE A 72 -7.36 41.84 6.84
CA PHE A 72 -6.49 40.94 6.06
C PHE A 72 -5.40 40.28 6.91
N LEU A 73 -4.81 41.01 7.89
CA LEU A 73 -3.78 40.46 8.78
C LEU A 73 -4.38 39.36 9.68
N CYS A 74 -5.65 39.58 10.13
CA CYS A 74 -6.41 38.64 10.95
C CYS A 74 -6.76 37.40 10.15
N GLY A 75 -7.27 37.60 8.93
CA GLY A 75 -7.65 36.54 8.01
C GLY A 75 -6.51 35.62 7.64
N ALA A 76 -5.29 36.21 7.50
CA ALA A 76 -4.03 35.54 7.19
C ALA A 76 -3.62 34.69 8.36
N ALA A 77 -3.68 35.25 9.59
CA ALA A 77 -3.36 34.54 10.85
C ALA A 77 -4.32 33.37 11.05
N ALA A 78 -5.63 33.61 10.86
CA ALA A 78 -6.65 32.58 10.98
C ALA A 78 -6.43 31.44 9.96
N ASN A 79 -6.07 31.77 8.70
CA ASN A 79 -5.81 30.77 7.66
C ASN A 79 -4.57 29.93 7.98
N ALA A 80 -3.46 30.58 8.39
CA ALA A 80 -2.22 29.91 8.79
C ALA A 80 -2.52 28.83 9.87
N ILE A 81 -3.20 29.25 10.96
CA ILE A 81 -3.62 28.39 12.07
C ILE A 81 -4.51 27.26 11.54
N ARG A 82 -5.56 27.58 10.76
CA ARG A 82 -6.49 26.60 10.20
C ARG A 82 -5.80 25.52 9.37
N VAL A 83 -4.88 25.91 8.46
CA VAL A 83 -4.14 24.99 7.58
C VAL A 83 -3.23 24.09 8.42
N TYR A 84 -2.46 24.69 9.36
CA TYR A 84 -1.57 23.95 10.26
C TYR A 84 -2.37 22.91 11.03
N LEU A 85 -3.46 23.32 11.71
CA LEU A 85 -4.34 22.40 12.45
C LEU A 85 -4.91 21.28 11.57
N MET A 86 -5.27 21.57 10.31
CA MET A 86 -5.83 20.58 9.39
C MET A 86 -4.81 19.55 8.94
N GLN A 87 -3.63 20.04 8.54
CA GLN A 87 -2.53 19.21 8.04
C GLN A 87 -2.03 18.27 9.14
N THR A 88 -1.69 18.82 10.31
CA THR A 88 -1.18 18.07 11.45
C THR A 88 -2.22 17.06 11.94
N SER A 89 -3.53 17.38 11.85
CA SER A 89 -4.59 16.44 12.24
C SER A 89 -4.60 15.22 11.33
N GLY A 90 -4.45 15.47 10.03
CA GLY A 90 -4.41 14.44 9.00
C GLY A 90 -3.18 13.56 9.15
N GLN A 91 -2.02 14.18 9.41
CA GLN A 91 -0.74 13.51 9.59
C GLN A 91 -0.78 12.53 10.76
N ARG A 92 -1.46 12.92 11.87
CA ARG A 92 -1.62 12.08 13.06
C ARG A 92 -2.53 10.90 12.72
N ILE A 93 -3.62 11.15 11.94
CA ILE A 93 -4.57 10.13 11.50
C ILE A 93 -3.85 9.12 10.57
N VAL A 94 -3.11 9.62 9.55
CA VAL A 94 -2.33 8.81 8.59
C VAL A 94 -1.25 7.99 9.33
N ASN A 95 -0.62 8.57 10.36
CA ASN A 95 0.38 7.85 11.16
C ASN A 95 -0.28 6.67 11.86
N ARG A 96 -1.45 6.88 12.50
CA ARG A 96 -2.22 5.84 13.17
C ARG A 96 -2.70 4.81 12.15
N LEU A 97 -2.97 5.23 10.89
CA LEU A 97 -3.38 4.28 9.84
C LEU A 97 -2.20 3.44 9.35
N ARG A 98 -1.00 4.04 9.22
CA ARG A 98 0.20 3.33 8.76
C ARG A 98 0.62 2.24 9.75
N THR A 99 0.71 2.59 11.05
CA THR A 99 1.15 1.65 12.08
C THR A 99 0.12 0.53 12.24
N SER A 100 -1.19 0.87 12.37
CA SER A 100 -2.26 -0.10 12.50
C SER A 100 -2.32 -1.05 11.32
N LEU A 101 -2.21 -0.52 10.08
CA LEU A 101 -2.26 -1.36 8.89
C LEU A 101 -1.05 -2.29 8.78
N PHE A 102 0.17 -1.78 9.04
CA PHE A 102 1.36 -2.60 8.96
C PHE A 102 1.32 -3.75 9.99
N SER A 103 0.84 -3.44 11.21
CA SER A 103 0.70 -4.36 12.34
C SER A 103 -0.24 -5.52 11.98
N SER A 104 -1.37 -5.24 11.31
CA SER A 104 -2.34 -6.26 10.87
C SER A 104 -1.77 -7.14 9.78
N ILE A 105 -1.13 -6.52 8.75
CA ILE A 105 -0.54 -7.25 7.61
C ILE A 105 0.44 -8.32 8.15
N LEU A 106 1.44 -7.90 8.95
CA LEU A 106 2.45 -8.84 9.46
C LEU A 106 1.90 -9.92 10.43
N ARG A 107 0.66 -9.79 10.90
CA ARG A 107 0.03 -10.79 11.78
C ARG A 107 -0.67 -11.88 10.97
N GLN A 108 -0.94 -11.65 9.68
CA GLN A 108 -1.63 -12.58 8.77
C GLN A 108 -0.78 -13.80 8.45
N GLU A 109 -1.45 -14.95 8.25
CA GLU A 109 -0.81 -16.22 7.88
C GLU A 109 -0.16 -16.13 6.46
N VAL A 110 0.88 -16.95 6.19
CA VAL A 110 1.61 -17.00 4.91
C VAL A 110 0.61 -17.24 3.74
N ALA A 111 -0.44 -18.09 3.95
CA ALA A 111 -1.49 -18.35 2.95
C ALA A 111 -2.08 -17.06 2.40
N PHE A 112 -2.27 -16.03 3.28
CA PHE A 112 -2.81 -14.72 2.89
C PHE A 112 -1.87 -14.06 1.86
N PHE A 113 -0.55 -14.06 2.13
CA PHE A 113 0.47 -13.49 1.26
C PHE A 113 0.56 -14.26 -0.07
N ASP A 114 0.28 -15.57 -0.03
CA ASP A 114 0.28 -16.47 -1.19
C ASP A 114 -0.76 -16.04 -2.22
N LYS A 115 -1.91 -15.47 -1.74
CA LYS A 115 -3.02 -15.01 -2.57
C LYS A 115 -3.11 -13.46 -2.70
N THR A 116 -2.21 -12.69 -2.03
CA THR A 116 -2.19 -11.22 -2.06
C THR A 116 -0.82 -10.71 -2.53
N ARG A 117 -0.82 -9.82 -3.54
CA ARG A 117 0.41 -9.22 -4.11
C ARG A 117 0.98 -8.13 -3.18
N THR A 118 2.33 -8.10 -2.99
CA THR A 118 3.04 -7.11 -2.16
C THR A 118 2.71 -5.67 -2.63
N GLY A 119 2.67 -5.49 -3.96
CA GLY A 119 2.36 -4.22 -4.60
C GLY A 119 1.01 -3.67 -4.18
N GLU A 120 -0.01 -4.53 -4.06
CA GLU A 120 -1.35 -4.13 -3.64
C GLU A 120 -1.34 -3.72 -2.16
N LEU A 121 -0.60 -4.45 -1.32
CA LEU A 121 -0.52 -4.14 0.10
C LEU A 121 0.21 -2.80 0.32
N ILE A 122 1.25 -2.52 -0.50
CA ILE A 122 2.02 -1.27 -0.46
C ILE A 122 1.15 -0.11 -1.00
N ASN A 123 0.29 -0.35 -2.01
CA ASN A 123 -0.63 0.68 -2.50
C ASN A 123 -1.64 1.05 -1.41
N ARG A 124 -2.07 0.06 -0.60
CA ARG A 124 -2.98 0.30 0.52
C ARG A 124 -2.28 1.09 1.63
N LEU A 125 -0.98 0.82 1.88
CA LEU A 125 -0.19 1.47 2.92
C LEU A 125 0.27 2.87 2.50
N SER A 126 0.44 3.11 1.18
CA SER A 126 0.86 4.40 0.61
C SER A 126 -0.34 5.30 0.26
N SER A 127 -1.01 4.98 -0.86
CA SER A 127 -2.09 5.75 -1.44
C SER A 127 -3.31 5.81 -0.57
N ASP A 128 -3.86 4.64 -0.17
CA ASP A 128 -5.13 4.57 0.54
C ASP A 128 -5.08 5.20 1.93
N THR A 129 -3.94 5.12 2.63
CA THR A 129 -3.80 5.76 3.95
C THR A 129 -3.79 7.29 3.77
N ALA A 130 -3.18 7.79 2.66
CA ALA A 130 -3.12 9.21 2.34
C ALA A 130 -4.51 9.74 2.05
N LEU A 131 -5.30 9.02 1.21
CA LEU A 131 -6.68 9.34 0.83
C LEU A 131 -7.56 9.42 2.06
N LEU A 132 -7.60 8.33 2.85
CA LEU A 132 -8.44 8.21 4.03
C LEU A 132 -8.15 9.31 5.07
N GLY A 133 -6.88 9.63 5.25
CA GLY A 133 -6.45 10.69 6.17
C GLY A 133 -6.89 12.08 5.76
N ARG A 134 -6.82 12.41 4.46
CA ARG A 134 -7.23 13.73 4.00
C ARG A 134 -8.75 13.79 3.78
N SER A 135 -9.41 12.64 3.64
CA SER A 135 -10.86 12.61 3.43
C SER A 135 -11.61 13.12 4.66
N VAL A 136 -11.13 12.81 5.88
CA VAL A 136 -11.77 13.26 7.14
C VAL A 136 -11.22 14.62 7.61
N THR A 137 -10.20 15.16 6.92
CA THR A 137 -9.61 16.43 7.28
C THR A 137 -9.80 17.46 6.15
N GLU A 138 -8.78 17.64 5.28
CA GLU A 138 -8.75 18.62 4.18
C GLU A 138 -10.03 18.59 3.33
N ASN A 139 -10.42 17.40 2.83
CA ASN A 139 -11.62 17.21 2.00
C ASN A 139 -12.91 17.56 2.77
N LEU A 140 -13.00 17.21 4.06
CA LEU A 140 -14.16 17.52 4.90
C LEU A 140 -14.30 19.04 5.08
N SER A 141 -13.16 19.75 5.26
CA SER A 141 -13.08 21.21 5.38
C SER A 141 -13.46 21.88 4.06
N ASP A 142 -13.01 21.30 2.93
CA ASP A 142 -13.24 21.77 1.58
C ASP A 142 -14.73 21.70 1.20
N GLY A 143 -15.38 20.60 1.57
CA GLY A 143 -16.81 20.41 1.34
C GLY A 143 -17.64 21.28 2.26
N LEU A 144 -17.17 21.46 3.51
CA LEU A 144 -17.81 22.27 4.55
C LEU A 144 -17.80 23.75 4.16
N ARG A 145 -16.67 24.25 3.61
CA ARG A 145 -16.56 25.64 3.13
C ARG A 145 -17.49 25.84 1.95
N ALA A 146 -17.35 25.04 0.87
CA ALA A 146 -18.17 25.05 -0.36
C ALA A 146 -19.65 24.90 -0.08
N GLY A 147 -20.02 24.07 0.90
CA GLY A 147 -21.40 23.85 1.32
C GLY A 147 -21.97 25.08 1.99
N ALA A 148 -21.20 25.71 2.89
CA ALA A 148 -21.62 26.92 3.58
C ALA A 148 -21.67 28.11 2.63
N GLN A 149 -20.71 28.20 1.69
CA GLN A 149 -20.60 29.29 0.72
C GLN A 149 -21.66 29.23 -0.40
N ALA A 150 -22.15 28.02 -0.76
CA ALA A 150 -23.26 27.88 -1.72
C ALA A 150 -24.54 28.28 -1.01
N SER A 151 -24.71 27.78 0.24
CA SER A 151 -25.82 28.08 1.13
C SER A 151 -25.97 29.58 1.35
N VAL A 152 -24.87 30.27 1.78
CA VAL A 152 -24.88 31.72 2.04
C VAL A 152 -25.09 32.48 0.72
N GLY A 153 -24.43 32.02 -0.35
CA GLY A 153 -24.48 32.63 -1.67
C GLY A 153 -25.87 32.66 -2.26
N ILE A 154 -26.55 31.47 -2.29
CA ILE A 154 -27.91 31.30 -2.81
C ILE A 154 -28.88 32.13 -1.99
N SER A 155 -28.75 32.10 -0.64
CA SER A 155 -29.56 32.90 0.28
C SER A 155 -29.41 34.38 -0.05
N MET A 156 -28.15 34.85 -0.24
CA MET A 156 -27.83 36.23 -0.58
C MET A 156 -28.31 36.64 -1.99
N MET A 157 -28.41 35.68 -2.93
CA MET A 157 -28.93 35.95 -4.28
C MET A 157 -30.40 36.26 -4.19
N PHE A 158 -31.12 35.46 -3.35
CA PHE A 158 -32.55 35.67 -3.12
C PHE A 158 -32.75 36.97 -2.30
N PHE A 159 -31.89 37.26 -1.32
CA PHE A 159 -32.01 38.50 -0.54
C PHE A 159 -31.81 39.70 -1.46
N VAL A 160 -30.77 39.68 -2.31
CA VAL A 160 -30.44 40.76 -3.24
C VAL A 160 -31.56 40.95 -4.27
N SER A 161 -32.09 39.87 -4.87
CA SER A 161 -33.16 39.96 -5.88
C SER A 161 -33.89 38.63 -6.04
N PRO A 162 -35.07 38.43 -5.43
CA PRO A 162 -35.80 37.16 -5.62
C PRO A 162 -36.22 36.88 -7.09
N ASN A 163 -36.30 37.91 -7.97
CA ASN A 163 -36.63 37.74 -9.38
C ASN A 163 -35.45 37.14 -10.13
N LEU A 164 -34.29 37.82 -10.08
CA LEU A 164 -33.08 37.33 -10.76
C LEU A 164 -32.64 35.96 -10.23
N ALA A 165 -32.72 35.72 -8.89
CA ALA A 165 -32.38 34.41 -8.30
C ALA A 165 -33.32 33.31 -8.84
N THR A 166 -34.65 33.56 -8.90
CA THR A 166 -35.62 32.60 -9.43
C THR A 166 -35.35 32.32 -10.93
N PHE A 167 -34.98 33.35 -11.68
CA PHE A 167 -34.64 33.24 -13.08
C PHE A 167 -33.42 32.27 -13.24
N VAL A 168 -32.28 32.59 -12.58
CA VAL A 168 -31.04 31.78 -12.63
C VAL A 168 -31.36 30.32 -12.28
N LEU A 169 -32.14 30.09 -11.21
CA LEU A 169 -32.57 28.78 -10.72
C LEU A 169 -33.47 28.03 -11.74
N SER A 170 -34.15 28.73 -12.66
CA SER A 170 -34.98 28.08 -13.69
C SER A 170 -34.18 27.68 -14.95
N VAL A 171 -33.09 28.42 -15.22
CA VAL A 171 -32.25 28.29 -16.40
C VAL A 171 -31.09 27.31 -16.20
N VAL A 172 -30.31 27.43 -15.11
CA VAL A 172 -29.13 26.59 -14.89
C VAL A 172 -29.50 25.06 -14.88
N PRO A 173 -30.41 24.53 -14.02
CA PRO A 173 -30.74 23.08 -14.05
C PRO A 173 -30.98 22.45 -15.45
N PRO A 174 -31.89 22.95 -16.36
CA PRO A 174 -32.02 22.30 -17.70
C PRO A 174 -30.68 22.22 -18.46
N VAL A 175 -29.87 23.30 -18.42
CA VAL A 175 -28.55 23.37 -19.05
C VAL A 175 -27.62 22.36 -18.42
N SER A 176 -27.61 22.25 -17.08
CA SER A 176 -26.75 21.34 -16.32
C SER A 176 -27.08 19.89 -16.61
N ILE A 177 -28.41 19.53 -16.67
CA ILE A 177 -28.88 18.17 -16.99
C ILE A 177 -28.39 17.77 -18.41
N ILE A 178 -28.68 18.62 -19.43
CA ILE A 178 -28.24 18.37 -20.81
C ILE A 178 -26.69 18.20 -20.86
N ALA A 179 -25.92 19.04 -20.15
CA ALA A 179 -24.45 18.97 -20.08
C ALA A 179 -23.96 17.67 -19.42
N VAL A 180 -24.71 17.15 -18.44
CA VAL A 180 -24.38 15.90 -17.75
C VAL A 180 -24.55 14.72 -18.74
N ILE A 181 -25.66 14.71 -19.51
CA ILE A 181 -25.92 13.66 -20.49
C ILE A 181 -24.82 13.68 -21.60
N TYR A 182 -24.41 14.88 -22.07
CA TYR A 182 -23.36 15.05 -23.08
C TYR A 182 -22.00 14.62 -22.51
N GLY A 183 -21.80 14.87 -21.21
CA GLY A 183 -20.58 14.53 -20.50
C GLY A 183 -20.39 13.04 -20.34
N ARG A 184 -21.50 12.33 -20.09
CA ARG A 184 -21.55 10.88 -19.91
C ARG A 184 -21.26 10.18 -21.25
N TYR A 185 -21.72 10.78 -22.36
CA TYR A 185 -21.48 10.28 -23.72
C TYR A 185 -19.99 10.38 -24.01
N LEU A 186 -19.41 11.58 -23.77
CA LEU A 186 -18.00 11.89 -23.96
C LEU A 186 -17.12 10.92 -23.14
N ARG A 187 -17.55 10.52 -21.93
CA ARG A 187 -16.83 9.54 -21.09
C ARG A 187 -16.77 8.16 -21.76
N LYS A 188 -17.86 7.74 -22.45
CA LYS A 188 -17.93 6.44 -23.14
C LYS A 188 -17.00 6.43 -24.35
N LEU A 189 -16.96 7.53 -25.15
CA LEU A 189 -16.05 7.63 -26.31
C LEU A 189 -14.58 7.63 -25.87
N THR A 190 -14.32 8.15 -24.64
CA THR A 190 -12.99 8.18 -24.05
C THR A 190 -12.59 6.77 -23.61
N LYS A 191 -13.54 5.99 -23.02
CA LYS A 191 -13.30 4.62 -22.56
C LYS A 191 -12.94 3.76 -23.76
N VAL A 192 -13.71 3.87 -24.87
CA VAL A 192 -13.48 3.12 -26.12
C VAL A 192 -12.03 3.34 -26.61
N THR A 193 -11.56 4.60 -26.65
CA THR A 193 -10.20 4.95 -27.06
C THR A 193 -9.17 4.36 -26.09
N GLN A 194 -9.34 4.57 -24.77
CA GLN A 194 -8.40 4.13 -23.75
C GLN A 194 -8.36 2.60 -23.57
N ASP A 195 -9.46 1.89 -23.95
CA ASP A 195 -9.54 0.42 -23.96
C ASP A 195 -8.62 -0.09 -25.05
N SER A 196 -8.75 0.51 -26.26
CA SER A 196 -7.97 0.20 -27.45
C SER A 196 -6.50 0.50 -27.24
N LEU A 197 -6.20 1.65 -26.59
CA LEU A 197 -4.83 2.05 -26.27
C LEU A 197 -4.21 1.09 -25.25
N ALA A 198 -5.00 0.57 -24.30
CA ALA A 198 -4.54 -0.38 -23.29
C ALA A 198 -4.15 -1.70 -23.96
N GLN A 199 -4.96 -2.16 -24.93
CA GLN A 199 -4.72 -3.37 -25.70
C GLN A 199 -3.39 -3.29 -26.45
N ALA A 200 -3.17 -2.17 -27.15
CA ALA A 200 -1.98 -1.89 -27.93
C ALA A 200 -0.75 -1.88 -27.05
N THR A 201 -0.85 -1.23 -25.88
CA THR A 201 0.27 -1.13 -24.93
C THR A 201 0.60 -2.48 -24.31
N GLN A 202 -0.44 -3.32 -24.06
CA GLN A 202 -0.24 -4.65 -23.51
C GLN A 202 0.53 -5.54 -24.52
N LEU A 203 0.09 -5.51 -25.79
CA LEU A 203 0.73 -6.20 -26.92
C LEU A 203 2.22 -5.78 -26.98
N ALA A 204 2.50 -4.47 -26.96
CA ALA A 204 3.84 -3.88 -26.98
C ALA A 204 4.70 -4.44 -25.82
N GLU A 205 4.15 -4.39 -24.58
CA GLU A 205 4.77 -4.89 -23.35
C GLU A 205 5.15 -6.38 -23.43
N GLU A 206 4.19 -7.23 -23.90
CA GLU A 206 4.36 -8.67 -24.07
C GLU A 206 5.48 -8.96 -25.04
N ARG A 207 5.46 -8.31 -26.23
CA ARG A 207 6.41 -8.49 -27.32
C ARG A 207 7.80 -7.95 -27.00
N ILE A 208 7.92 -6.86 -26.23
CA ILE A 208 9.22 -6.34 -25.81
C ILE A 208 9.79 -7.31 -24.77
N GLY A 209 8.94 -7.68 -23.81
CA GLY A 209 9.24 -8.63 -22.75
C GLY A 209 9.61 -10.01 -23.24
N ASN A 210 9.24 -10.37 -24.49
CA ASN A 210 9.53 -11.67 -25.08
C ASN A 210 10.18 -11.50 -26.44
N VAL A 211 11.09 -10.53 -26.53
CA VAL A 211 11.79 -10.16 -27.76
C VAL A 211 12.61 -11.34 -28.25
N ARG A 212 13.14 -12.19 -27.33
CA ARG A 212 13.91 -13.41 -27.65
C ARG A 212 13.05 -14.38 -28.48
N THR A 213 11.76 -14.62 -28.09
CA THR A 213 10.79 -15.47 -28.83
C THR A 213 10.42 -14.81 -30.17
N VAL A 214 10.18 -13.47 -30.19
CA VAL A 214 9.86 -12.68 -31.37
C VAL A 214 11.02 -12.85 -32.40
N ARG A 215 12.30 -12.53 -32.01
CA ARG A 215 13.52 -12.72 -32.83
C ARG A 215 13.58 -14.09 -33.43
N ALA A 216 13.51 -15.13 -32.54
CA ALA A 216 13.61 -16.56 -32.82
C ALA A 216 12.76 -17.00 -33.98
N PHE A 217 11.60 -16.36 -34.20
CA PHE A 217 10.71 -16.70 -35.28
C PHE A 217 10.70 -15.65 -36.41
N GLY A 218 11.64 -14.70 -36.36
CA GLY A 218 11.75 -13.62 -37.34
C GLY A 218 10.48 -12.81 -37.47
N LYS A 219 9.86 -12.45 -36.33
CA LYS A 219 8.57 -11.75 -36.30
C LYS A 219 8.64 -10.31 -35.83
N GLU A 220 9.84 -9.72 -35.76
CA GLU A 220 9.99 -8.33 -35.36
C GLU A 220 9.21 -7.43 -36.31
N MET A 221 9.38 -7.61 -37.65
CA MET A 221 8.69 -6.82 -38.67
C MET A 221 7.17 -6.96 -38.61
N THR A 222 6.68 -8.19 -38.30
CA THR A 222 5.26 -8.56 -38.16
C THR A 222 4.67 -7.84 -36.94
N GLU A 223 5.38 -7.88 -35.80
CA GLU A 223 4.93 -7.25 -34.56
C GLU A 223 4.86 -5.72 -34.73
N ILE A 224 5.86 -5.12 -35.41
CA ILE A 224 5.94 -3.69 -35.73
C ILE A 224 4.68 -3.29 -36.55
N GLU A 225 4.33 -4.08 -37.56
CA GLU A 225 3.17 -3.81 -38.43
C GLU A 225 1.88 -4.05 -37.68
N LYS A 226 1.85 -5.06 -36.78
CA LYS A 226 0.67 -5.38 -35.94
C LYS A 226 0.34 -4.23 -35.04
N TYR A 227 1.35 -3.72 -34.30
CA TYR A 227 1.26 -2.60 -33.36
C TYR A 227 0.84 -1.33 -34.10
N ALA A 228 1.48 -1.04 -35.26
CA ALA A 228 1.14 0.11 -36.11
C ALA A 228 -0.35 0.08 -36.49
N SER A 229 -0.93 -1.11 -36.75
CA SER A 229 -2.35 -1.26 -37.08
C SER A 229 -3.25 -0.93 -35.91
N LYS A 230 -2.83 -1.35 -34.70
CA LYS A 230 -3.57 -1.12 -33.45
C LYS A 230 -3.57 0.35 -33.07
N VAL A 231 -2.41 1.05 -33.17
CA VAL A 231 -2.29 2.46 -32.82
C VAL A 231 -2.92 3.37 -33.91
N ASP A 232 -3.07 2.88 -35.15
CA ASP A 232 -3.76 3.62 -36.22
C ASP A 232 -5.25 3.62 -35.95
N HIS A 233 -5.74 2.51 -35.36
CA HIS A 233 -7.12 2.33 -34.98
C HIS A 233 -7.43 3.19 -33.73
N VAL A 234 -6.47 3.31 -32.79
CA VAL A 234 -6.57 4.18 -31.60
C VAL A 234 -6.79 5.65 -32.07
N MET A 235 -6.01 6.09 -33.07
CA MET A 235 -6.06 7.41 -33.71
C MET A 235 -7.44 7.70 -34.31
N GLN A 236 -8.07 6.66 -34.85
CA GLN A 236 -9.41 6.71 -35.45
C GLN A 236 -10.43 6.98 -34.35
N LEU A 237 -10.29 6.27 -33.22
CA LEU A 237 -11.18 6.42 -32.07
C LEU A 237 -10.99 7.78 -31.41
N ALA A 238 -9.71 8.20 -31.27
CA ALA A 238 -9.30 9.46 -30.67
C ALA A 238 -9.79 10.67 -31.47
N ARG A 239 -9.94 10.50 -32.82
CA ARG A 239 -10.45 11.57 -33.68
C ARG A 239 -11.97 11.74 -33.42
N LYS A 240 -12.70 10.62 -33.25
CA LYS A 240 -14.15 10.63 -32.97
C LYS A 240 -14.38 11.28 -31.60
N GLU A 241 -13.53 10.94 -30.62
CA GLU A 241 -13.58 11.48 -29.27
C GLU A 241 -13.32 12.99 -29.31
N ALA A 242 -12.31 13.43 -30.09
CA ALA A 242 -11.88 14.82 -30.26
C ALA A 242 -13.00 15.70 -30.84
N PHE A 243 -13.80 15.14 -31.76
CA PHE A 243 -14.94 15.82 -32.37
C PHE A 243 -16.06 16.05 -31.33
N ALA A 244 -16.33 15.05 -30.47
CA ALA A 244 -17.36 15.12 -29.43
C ALA A 244 -16.96 16.05 -28.28
N ARG A 245 -15.64 16.11 -27.96
CA ARG A 245 -15.06 16.97 -26.92
C ARG A 245 -15.10 18.42 -27.37
N ALA A 246 -14.75 18.68 -28.64
CA ALA A 246 -14.78 20.02 -29.25
C ALA A 246 -16.21 20.57 -29.24
N GLY A 247 -17.19 19.71 -29.56
CA GLY A 247 -18.60 20.06 -29.55
C GLY A 247 -19.11 20.38 -28.16
N PHE A 248 -18.71 19.58 -27.18
CA PHE A 248 -19.08 19.74 -25.77
C PHE A 248 -18.54 21.06 -25.23
N PHE A 249 -17.22 21.35 -25.42
CA PHE A 249 -16.58 22.59 -24.96
C PHE A 249 -17.22 23.82 -25.64
N GLY A 250 -17.58 23.69 -26.92
CA GLY A 250 -18.29 24.74 -27.64
C GLY A 250 -19.65 25.03 -27.05
N ALA A 251 -20.45 23.95 -26.85
CA ALA A 251 -21.80 23.99 -26.29
C ALA A 251 -21.83 24.46 -24.85
N THR A 252 -20.91 23.97 -23.99
CA THR A 252 -20.89 24.37 -22.58
C THR A 252 -20.39 25.80 -22.41
N GLY A 253 -19.43 26.21 -23.25
CA GLY A 253 -18.88 27.56 -23.24
C GLY A 253 -19.94 28.59 -23.61
N LEU A 254 -20.62 28.36 -24.76
CA LEU A 254 -21.71 29.21 -25.25
C LEU A 254 -22.82 29.34 -24.21
N SER A 255 -23.25 28.19 -23.63
CA SER A 255 -24.31 28.14 -22.63
C SER A 255 -23.95 28.94 -21.40
N GLY A 256 -22.70 28.81 -20.94
CA GLY A 256 -22.20 29.54 -19.78
C GLY A 256 -22.27 31.03 -20.02
N ASN A 257 -21.69 31.49 -21.14
CA ASN A 257 -21.67 32.88 -21.57
C ASN A 257 -23.07 33.45 -21.73
N LEU A 258 -23.97 32.77 -22.48
CA LEU A 258 -25.36 33.20 -22.69
C LEU A 258 -26.15 33.28 -21.36
N ILE A 259 -25.88 32.40 -20.40
CA ILE A 259 -26.55 32.42 -19.09
C ILE A 259 -26.17 33.72 -18.36
N VAL A 260 -24.85 34.02 -18.28
CA VAL A 260 -24.32 35.27 -17.67
C VAL A 260 -24.93 36.50 -18.38
N LEU A 261 -24.96 36.48 -19.75
CA LEU A 261 -25.50 37.55 -20.60
C LEU A 261 -26.96 37.80 -20.28
N SER A 262 -27.74 36.72 -20.06
CA SER A 262 -29.15 36.79 -19.69
C SER A 262 -29.36 37.51 -18.34
N VAL A 263 -28.45 37.27 -17.37
CA VAL A 263 -28.49 37.87 -16.06
C VAL A 263 -28.14 39.35 -16.19
N LEU A 264 -27.14 39.70 -17.02
CA LEU A 264 -26.75 41.10 -17.24
C LEU A 264 -27.87 41.88 -17.93
N TYR A 265 -28.57 41.24 -18.87
CA TYR A 265 -29.69 41.80 -19.61
C TYR A 265 -30.92 41.95 -18.71
N LYS A 266 -31.37 40.89 -18.04
CA LYS A 266 -32.53 40.97 -17.14
C LYS A 266 -32.27 41.99 -16.01
N GLY A 267 -31.04 41.94 -15.46
CA GLY A 267 -30.56 42.86 -14.42
C GLY A 267 -30.52 44.30 -14.91
N GLY A 268 -30.03 44.49 -16.15
CA GLY A 268 -29.97 45.78 -16.80
C GLY A 268 -31.34 46.41 -16.94
N LEU A 269 -32.36 45.59 -17.30
CA LEU A 269 -33.74 46.02 -17.44
C LEU A 269 -34.35 46.35 -16.09
N LEU A 270 -34.02 45.56 -15.03
CA LEU A 270 -34.52 45.76 -13.67
C LEU A 270 -33.98 47.06 -13.06
N MET A 271 -32.76 47.48 -13.46
CA MET A 271 -32.15 48.74 -13.08
C MET A 271 -32.92 49.92 -13.70
N GLY A 272 -33.16 49.83 -15.01
CA GLY A 272 -33.89 50.82 -15.79
C GLY A 272 -35.29 51.10 -15.25
N SER A 273 -35.99 50.04 -14.80
CA SER A 273 -37.33 50.08 -14.21
C SER A 273 -37.31 50.40 -12.68
N ALA A 274 -36.11 50.72 -12.12
CA ALA A 274 -35.82 51.11 -10.73
C ALA A 274 -36.04 49.98 -9.69
N HIS A 275 -36.07 48.71 -10.13
CA HIS A 275 -36.19 47.58 -9.20
C HIS A 275 -34.85 47.24 -8.55
N MET A 276 -33.75 47.73 -9.16
CA MET A 276 -32.39 47.47 -8.70
C MET A 276 -31.43 48.60 -8.96
N THR A 277 -30.30 48.62 -8.20
CA THR A 277 -29.21 49.57 -8.40
C THR A 277 -28.04 48.82 -9.07
N VAL A 278 -27.00 49.55 -9.53
CA VAL A 278 -25.78 49.01 -10.17
C VAL A 278 -24.98 48.22 -9.10
N GLY A 279 -24.97 48.73 -7.87
CA GLY A 279 -24.28 48.08 -6.77
C GLY A 279 -24.93 46.76 -6.45
N GLU A 280 -26.27 46.74 -6.34
CA GLU A 280 -27.12 45.56 -6.09
C GLU A 280 -26.90 44.51 -7.17
N LEU A 281 -26.85 44.93 -8.46
CA LEU A 281 -26.54 43.98 -9.53
C LEU A 281 -25.13 43.43 -9.36
N SER A 282 -24.12 44.31 -9.14
CA SER A 282 -22.73 43.88 -8.89
C SER A 282 -22.68 42.83 -7.77
N SER A 283 -23.35 43.08 -6.62
CA SER A 283 -23.46 42.15 -5.49
C SER A 283 -23.99 40.81 -5.95
N PHE A 284 -25.10 40.83 -6.73
CA PHE A 284 -25.77 39.63 -7.24
C PHE A 284 -24.82 38.81 -8.11
N LEU A 285 -24.12 39.45 -9.04
CA LEU A 285 -23.20 38.74 -9.92
C LEU A 285 -22.04 38.11 -9.14
N MET A 286 -21.47 38.84 -8.16
CA MET A 286 -20.40 38.32 -7.31
C MET A 286 -20.89 37.09 -6.53
N TYR A 287 -22.12 37.12 -5.94
CA TYR A 287 -22.70 35.98 -5.24
C TYR A 287 -23.00 34.82 -6.19
N ALA A 288 -23.50 35.12 -7.40
CA ALA A 288 -23.80 34.10 -8.40
C ALA A 288 -22.51 33.39 -8.81
N PHE A 289 -21.42 34.15 -9.02
CA PHE A 289 -20.12 33.60 -9.36
C PHE A 289 -19.60 32.73 -8.20
N TRP A 290 -19.77 33.20 -6.95
CA TRP A 290 -19.35 32.48 -5.74
C TRP A 290 -20.13 31.16 -5.57
N VAL A 291 -21.44 31.11 -5.94
CA VAL A 291 -22.27 29.88 -5.88
C VAL A 291 -21.72 28.89 -6.94
N GLY A 292 -21.45 29.40 -8.14
CA GLY A 292 -20.85 28.63 -9.24
C GLY A 292 -19.61 27.88 -8.79
N ILE A 293 -18.64 28.59 -8.16
CA ILE A 293 -17.40 28.04 -7.60
C ILE A 293 -17.72 27.02 -6.50
N SER A 294 -18.69 27.34 -5.61
CA SER A 294 -19.11 26.48 -4.51
C SER A 294 -19.72 25.19 -5.02
N ILE A 295 -20.43 25.23 -6.18
CA ILE A 295 -21.03 24.02 -6.78
C ILE A 295 -19.90 23.12 -7.27
N GLY A 296 -18.86 23.75 -7.83
CA GLY A 296 -17.64 23.08 -8.27
C GLY A 296 -16.94 22.42 -7.08
N GLY A 297 -16.89 23.16 -5.98
CA GLY A 297 -16.30 22.69 -4.72
C GLY A 297 -17.01 21.52 -4.11
N LEU A 298 -18.35 21.48 -4.20
CA LEU A 298 -19.16 20.38 -3.69
C LEU A 298 -19.00 19.16 -4.58
N SER A 299 -18.86 19.39 -5.90
CA SER A 299 -18.63 18.33 -6.87
C SER A 299 -17.29 17.62 -6.60
N SER A 300 -16.20 18.41 -6.38
CA SER A 300 -14.86 17.93 -6.09
C SER A 300 -14.83 17.18 -4.75
N PHE A 301 -15.60 17.68 -3.77
CA PHE A 301 -15.72 17.07 -2.46
C PHE A 301 -16.40 15.71 -2.55
N TYR A 302 -17.45 15.58 -3.40
CA TYR A 302 -18.15 14.31 -3.55
C TYR A 302 -17.24 13.24 -4.20
N SER A 303 -16.47 13.60 -5.26
CA SER A 303 -15.52 12.69 -5.90
C SER A 303 -14.48 12.19 -4.93
N GLU A 304 -13.91 13.10 -4.10
CA GLU A 304 -12.88 12.74 -3.14
C GLU A 304 -13.46 11.93 -1.97
N LEU A 305 -14.74 12.16 -1.61
CA LEU A 305 -15.40 11.39 -0.55
C LEU A 305 -15.59 9.93 -1.01
N MET A 306 -15.96 9.73 -2.29
CA MET A 306 -16.16 8.40 -2.87
C MET A 306 -14.83 7.65 -2.98
N LYS A 307 -13.75 8.37 -3.39
CA LYS A 307 -12.40 7.82 -3.49
C LYS A 307 -11.90 7.40 -2.10
N GLY A 308 -12.13 8.24 -1.09
CA GLY A 308 -11.74 7.99 0.29
C GLY A 308 -12.52 6.85 0.92
N LEU A 309 -13.78 6.66 0.50
CA LEU A 309 -14.61 5.57 0.99
C LEU A 309 -14.15 4.25 0.33
N GLY A 310 -13.65 4.35 -0.91
CA GLY A 310 -13.11 3.22 -1.66
C GLY A 310 -11.87 2.69 -0.96
N ALA A 311 -11.00 3.63 -0.55
CA ALA A 311 -9.78 3.39 0.21
C ALA A 311 -10.14 2.84 1.58
N GLY A 312 -11.16 3.42 2.20
CA GLY A 312 -11.65 3.01 3.51
C GLY A 312 -12.09 1.57 3.57
N GLY A 313 -12.78 1.11 2.53
CA GLY A 313 -13.23 -0.27 2.43
C GLY A 313 -12.09 -1.26 2.35
N ARG A 314 -11.01 -0.88 1.63
CA ARG A 314 -9.78 -1.66 1.42
C ARG A 314 -8.91 -1.72 2.69
N LEU A 315 -8.94 -0.67 3.52
CA LEU A 315 -8.16 -0.63 4.75
C LEU A 315 -8.92 -1.30 5.89
N TRP A 316 -10.26 -1.15 5.96
CA TRP A 316 -11.04 -1.80 7.02
C TRP A 316 -11.08 -3.33 6.80
N GLU A 317 -10.84 -3.77 5.56
CA GLU A 317 -10.78 -5.16 5.12
C GLU A 317 -9.59 -5.91 5.75
N LEU A 318 -8.41 -5.25 5.80
CA LEU A 318 -7.17 -5.76 6.36
C LEU A 318 -7.07 -5.49 7.84
N LEU A 319 -7.59 -4.33 8.30
CA LEU A 319 -7.54 -3.97 9.72
C LEU A 319 -8.37 -4.92 10.56
N GLU A 320 -9.51 -5.41 10.01
CA GLU A 320 -10.46 -6.29 10.68
C GLU A 320 -10.26 -7.77 10.35
N ARG A 321 -9.28 -8.09 9.44
CA ARG A 321 -8.98 -9.49 9.07
C ARG A 321 -8.32 -10.21 10.23
N GLU A 322 -8.94 -11.35 10.62
CA GLU A 322 -8.47 -12.25 11.68
C GLU A 322 -7.60 -13.33 11.04
N PRO A 323 -6.29 -13.39 11.40
CA PRO A 323 -5.39 -14.40 10.76
C PRO A 323 -5.93 -15.83 10.94
N LYS A 324 -5.90 -16.60 9.85
CA LYS A 324 -6.37 -17.99 9.81
C LYS A 324 -5.38 -18.96 10.54
N LEU A 325 -4.32 -18.41 11.18
CA LEU A 325 -3.31 -19.13 11.97
C LEU A 325 -2.91 -18.23 13.15
N PRO A 326 -2.71 -18.77 14.39
CA PRO A 326 -2.39 -17.88 15.54
C PRO A 326 -1.05 -17.15 15.37
N PHE A 327 -1.04 -15.89 15.79
CA PHE A 327 0.14 -15.03 15.66
C PHE A 327 1.13 -15.25 16.84
N ASN A 328 0.70 -14.95 18.07
CA ASN A 328 1.55 -15.09 19.26
C ASN A 328 0.67 -15.68 20.35
N GLU A 329 0.35 -16.97 20.23
CA GLU A 329 -0.59 -17.65 21.12
C GLU A 329 -0.22 -19.11 21.27
N GLY A 330 -0.15 -19.57 22.50
CA GLY A 330 0.19 -20.96 22.81
C GLY A 330 1.18 -21.13 23.95
N VAL A 331 1.50 -22.39 24.27
CA VAL A 331 2.41 -22.76 25.34
C VAL A 331 3.88 -22.75 24.86
N ILE A 332 4.79 -22.85 25.80
CA ILE A 332 6.25 -22.85 25.68
C ILE A 332 6.72 -24.07 26.51
N LEU A 333 7.71 -24.82 26.05
CA LEU A 333 8.14 -25.99 26.82
C LEU A 333 9.29 -25.62 27.79
N ASN A 334 9.45 -26.36 28.91
CA ASN A 334 10.54 -26.03 29.83
C ASN A 334 11.84 -26.68 29.35
N GLU A 335 12.97 -26.27 29.96
CA GLU A 335 14.33 -26.72 29.62
C GLU A 335 14.47 -28.24 29.68
N LYS A 336 13.88 -28.84 30.72
CA LYS A 336 13.84 -30.27 31.00
C LYS A 336 13.09 -31.05 29.91
N SER A 337 11.91 -30.57 29.49
CA SER A 337 11.07 -31.20 28.49
C SER A 337 11.44 -30.88 27.03
N PHE A 338 12.17 -29.77 26.79
CA PHE A 338 12.55 -29.47 25.42
C PHE A 338 13.88 -30.17 25.09
N GLN A 339 13.82 -31.18 24.21
CA GLN A 339 14.95 -32.00 23.76
C GLN A 339 15.19 -31.88 22.25
N GLY A 340 14.17 -31.43 21.52
CA GLY A 340 14.27 -31.25 20.08
C GLY A 340 13.96 -32.49 19.26
N ALA A 341 13.09 -33.37 19.77
CA ALA A 341 12.65 -34.53 18.99
C ALA A 341 11.45 -34.11 18.15
N LEU A 342 11.39 -34.55 16.87
CA LEU A 342 10.30 -34.22 15.96
C LEU A 342 9.61 -35.44 15.38
N GLU A 343 8.30 -35.32 15.15
CA GLU A 343 7.48 -36.39 14.57
C GLU A 343 6.42 -35.87 13.61
N PHE A 344 6.43 -36.44 12.41
CA PHE A 344 5.41 -36.25 11.37
C PHE A 344 4.52 -37.49 11.41
N LYS A 345 3.22 -37.30 11.52
CA LYS A 345 2.32 -38.44 11.59
C LYS A 345 1.17 -38.24 10.64
N ASN A 346 1.16 -39.05 9.56
CA ASN A 346 0.11 -39.16 8.51
C ASN A 346 -0.25 -37.78 7.93
N VAL A 347 0.79 -36.96 7.65
CA VAL A 347 0.66 -35.60 7.14
C VAL A 347 0.23 -35.63 5.64
N HIS A 348 -0.82 -34.86 5.35
CA HIS A 348 -1.41 -34.61 4.04
C HIS A 348 -1.34 -33.10 3.86
N PHE A 349 -0.87 -32.64 2.69
CA PHE A 349 -0.76 -31.19 2.44
C PHE A 349 -0.63 -30.89 0.95
N ALA A 350 -1.27 -29.79 0.52
CA ALA A 350 -1.23 -29.17 -0.81
C ALA A 350 -1.25 -27.68 -0.61
N TYR A 351 -0.30 -26.95 -1.25
CA TYR A 351 -0.18 -25.48 -1.12
C TYR A 351 -1.50 -24.73 -1.40
N PRO A 352 -1.83 -23.62 -0.67
CA PRO A 352 -3.09 -22.90 -0.92
C PRO A 352 -3.28 -22.41 -2.38
N ALA A 353 -2.19 -21.89 -3.01
CA ALA A 353 -2.18 -21.38 -4.40
C ALA A 353 -2.43 -22.50 -5.42
N ARG A 354 -1.83 -23.70 -5.24
CA ARG A 354 -2.02 -24.87 -6.10
C ARG A 354 -2.60 -26.05 -5.24
N PRO A 355 -3.91 -26.00 -4.85
CA PRO A 355 -4.46 -27.07 -4.00
C PRO A 355 -4.70 -28.39 -4.73
N GLU A 356 -4.64 -28.34 -6.07
CA GLU A 356 -4.83 -29.47 -6.96
C GLU A 356 -3.59 -30.40 -6.95
N VAL A 357 -2.41 -29.86 -6.55
CA VAL A 357 -1.16 -30.60 -6.52
C VAL A 357 -0.86 -31.07 -5.09
N PRO A 358 -0.98 -32.39 -4.77
CA PRO A 358 -0.68 -32.82 -3.39
C PRO A 358 0.82 -32.94 -3.16
N ILE A 359 1.34 -32.27 -2.12
CA ILE A 359 2.77 -32.32 -1.78
C ILE A 359 3.01 -33.57 -0.91
N PHE A 360 2.26 -33.71 0.21
CA PHE A 360 2.35 -34.88 1.09
C PHE A 360 1.04 -35.63 1.09
N GLN A 361 1.15 -36.95 1.02
CA GLN A 361 0.05 -37.90 1.04
C GLN A 361 0.43 -38.98 2.00
N ASP A 362 0.02 -38.84 3.27
CA ASP A 362 0.30 -39.72 4.42
C ASP A 362 1.81 -39.78 4.72
N PHE A 363 2.40 -38.59 4.92
CA PHE A 363 3.82 -38.39 5.24
C PHE A 363 4.04 -38.58 6.76
N SER A 364 4.85 -39.58 7.10
CA SER A 364 5.23 -39.91 8.48
C SER A 364 6.74 -40.03 8.57
N LEU A 365 7.36 -39.32 9.51
CA LEU A 365 8.79 -39.28 9.69
C LEU A 365 9.12 -38.94 11.12
N SER A 366 9.94 -39.78 11.74
CA SER A 366 10.38 -39.64 13.12
C SER A 366 11.83 -39.16 13.14
N ILE A 367 12.08 -37.92 13.60
CA ILE A 367 13.43 -37.35 13.68
C ILE A 367 13.84 -37.29 15.16
N PRO A 368 14.62 -38.26 15.70
CA PRO A 368 15.00 -38.20 17.13
C PRO A 368 16.00 -37.09 17.45
N SER A 369 15.99 -36.65 18.72
CA SER A 369 16.84 -35.60 19.27
C SER A 369 18.32 -35.88 18.99
N GLY A 370 19.02 -34.85 18.51
CA GLY A 370 20.47 -34.90 18.23
C GLY A 370 20.92 -35.76 17.07
N SER A 371 19.96 -36.23 16.25
CA SER A 371 20.25 -37.06 15.10
C SER A 371 20.32 -36.23 13.82
N VAL A 372 21.05 -36.75 12.81
CA VAL A 372 21.12 -36.19 11.48
C VAL A 372 20.30 -37.10 10.58
N THR A 373 19.17 -36.58 10.08
CA THR A 373 18.29 -37.32 9.17
C THR A 373 18.43 -36.65 7.82
N ALA A 374 18.73 -37.44 6.78
CA ALA A 374 18.88 -36.95 5.41
C ALA A 374 17.65 -37.27 4.61
N LEU A 375 16.97 -36.22 4.11
CA LEU A 375 15.77 -36.36 3.29
C LEU A 375 16.17 -36.40 1.82
N VAL A 376 15.84 -37.52 1.13
CA VAL A 376 16.21 -37.78 -0.27
C VAL A 376 14.94 -38.08 -1.11
N GLY A 377 14.91 -37.61 -2.37
CA GLY A 377 13.80 -37.84 -3.27
C GLY A 377 13.82 -37.02 -4.56
N PRO A 378 12.84 -37.28 -5.49
CA PRO A 378 12.81 -36.55 -6.78
C PRO A 378 12.54 -35.03 -6.66
N SER A 379 11.26 -34.58 -6.64
CA SER A 379 10.88 -33.17 -6.55
C SER A 379 11.42 -32.53 -5.26
N GLY A 380 12.12 -31.42 -5.42
CA GLY A 380 12.67 -30.63 -4.32
C GLY A 380 11.60 -29.75 -3.70
N SER A 381 10.46 -29.59 -4.42
CA SER A 381 9.28 -28.82 -3.99
C SER A 381 8.66 -29.51 -2.77
N GLY A 382 8.60 -30.84 -2.84
CA GLY A 382 8.10 -31.69 -1.78
C GLY A 382 8.97 -31.67 -0.54
N LYS A 383 10.29 -31.82 -0.76
CA LYS A 383 11.30 -31.82 0.30
C LYS A 383 11.37 -30.45 1.02
N SER A 384 11.30 -29.34 0.24
CA SER A 384 11.36 -27.97 0.78
C SER A 384 10.14 -27.60 1.62
N THR A 385 8.98 -28.24 1.34
CA THR A 385 7.70 -28.01 2.02
C THR A 385 7.75 -28.48 3.49
N VAL A 386 8.62 -29.49 3.79
CA VAL A 386 8.83 -30.05 5.14
C VAL A 386 9.23 -28.90 6.09
N LEU A 387 10.16 -28.02 5.66
CA LEU A 387 10.68 -26.86 6.41
C LEU A 387 9.56 -25.88 6.74
N SER A 388 8.69 -25.59 5.74
CA SER A 388 7.55 -24.68 5.85
C SER A 388 6.54 -25.15 6.90
N LEU A 389 6.32 -26.46 6.96
CA LEU A 389 5.38 -27.07 7.88
C LEU A 389 5.96 -27.15 9.30
N LEU A 390 7.29 -27.40 9.43
CA LEU A 390 8.01 -27.44 10.71
C LEU A 390 8.03 -26.08 11.39
N LEU A 391 8.10 -24.98 10.62
CA LEU A 391 8.09 -23.61 11.11
C LEU A 391 6.64 -23.11 11.23
N ARG A 392 5.66 -24.00 10.95
CA ARG A 392 4.22 -23.77 10.96
C ARG A 392 3.87 -22.48 10.18
N LEU A 393 4.36 -22.39 8.91
CA LEU A 393 4.00 -21.28 8.04
C LEU A 393 2.59 -21.57 7.50
N TYR A 394 2.29 -22.89 7.44
CA TYR A 394 1.04 -23.54 7.08
C TYR A 394 0.76 -24.67 8.08
N ASP A 395 -0.51 -25.12 8.16
CA ASP A 395 -0.87 -26.29 8.97
C ASP A 395 -1.14 -27.49 8.03
N PRO A 396 -0.81 -28.75 8.40
CA PRO A 396 -1.18 -29.88 7.52
C PRO A 396 -2.70 -29.95 7.32
N ALA A 397 -3.15 -30.43 6.13
CA ALA A 397 -4.58 -30.63 5.83
C ALA A 397 -5.14 -31.72 6.72
N SER A 398 -4.30 -32.75 6.97
CA SER A 398 -4.53 -33.92 7.82
C SER A 398 -3.21 -34.31 8.49
N GLY A 399 -3.29 -35.01 9.62
CA GLY A 399 -2.11 -35.46 10.34
C GLY A 399 -1.57 -34.45 11.33
N THR A 400 -0.47 -34.82 12.01
CA THR A 400 0.13 -33.91 13.01
C THR A 400 1.64 -33.83 12.90
N ILE A 401 2.19 -32.69 13.36
CA ILE A 401 3.62 -32.45 13.52
C ILE A 401 3.79 -32.22 15.02
N SER A 402 4.66 -33.00 15.65
CA SER A 402 4.87 -32.91 17.07
C SER A 402 6.30 -32.55 17.44
N LEU A 403 6.47 -31.75 18.50
CA LEU A 403 7.75 -31.39 19.08
C LEU A 403 7.80 -31.96 20.47
N ASP A 404 8.72 -32.93 20.74
CA ASP A 404 8.88 -33.61 22.01
C ASP A 404 7.52 -34.10 22.54
N GLY A 405 6.72 -34.69 21.66
CA GLY A 405 5.38 -35.18 22.00
C GLY A 405 4.25 -34.17 21.95
N HIS A 406 4.54 -32.86 21.81
CA HIS A 406 3.52 -31.80 21.76
C HIS A 406 3.21 -31.42 20.34
N ASP A 407 1.91 -31.41 19.94
CA ASP A 407 1.47 -30.97 18.61
C ASP A 407 1.87 -29.52 18.50
N ILE A 408 2.65 -29.16 17.46
CA ILE A 408 3.17 -27.80 17.28
C ILE A 408 2.03 -26.72 17.23
N ARG A 409 0.75 -27.15 17.02
CA ARG A 409 -0.42 -26.27 17.03
C ARG A 409 -0.71 -25.77 18.45
N GLN A 410 -0.38 -26.57 19.48
CA GLN A 410 -0.61 -26.22 20.89
C GLN A 410 0.46 -25.21 21.43
N LEU A 411 1.58 -25.02 20.69
CA LEU A 411 2.67 -24.13 21.11
C LEU A 411 2.60 -22.75 20.46
N ASN A 412 3.29 -21.80 21.12
CA ASN A 412 3.47 -20.42 20.67
C ASN A 412 4.37 -20.48 19.42
N PRO A 413 3.83 -20.05 18.25
CA PRO A 413 4.58 -20.23 16.99
C PRO A 413 5.88 -19.45 16.97
N VAL A 414 5.89 -18.27 17.62
CA VAL A 414 7.08 -17.42 17.70
C VAL A 414 8.15 -18.18 18.45
N TRP A 415 7.77 -18.79 19.59
CA TRP A 415 8.67 -19.58 20.43
C TRP A 415 9.16 -20.79 19.66
N LEU A 416 8.25 -21.54 18.98
CA LEU A 416 8.56 -22.76 18.21
C LEU A 416 9.69 -22.46 17.22
N ARG A 417 9.55 -21.38 16.46
CA ARG A 417 10.47 -20.90 15.44
C ARG A 417 11.83 -20.44 16.00
N SER A 418 11.91 -20.05 17.31
CA SER A 418 13.13 -19.61 17.98
C SER A 418 14.06 -20.79 18.26
N LYS A 419 13.49 -22.01 18.24
CA LYS A 419 14.18 -23.29 18.51
C LYS A 419 14.60 -23.97 17.20
N ILE A 420 14.00 -23.55 16.08
CA ILE A 420 14.26 -24.12 14.75
C ILE A 420 15.00 -23.12 13.86
N GLY A 421 16.22 -23.45 13.52
CA GLY A 421 17.04 -22.64 12.64
C GLY A 421 17.01 -23.23 11.25
N THR A 422 17.37 -22.41 10.27
CA THR A 422 17.35 -22.82 8.88
C THR A 422 18.50 -22.17 8.10
N VAL A 423 19.06 -22.94 7.16
CA VAL A 423 20.07 -22.48 6.20
C VAL A 423 19.60 -22.97 4.82
N SER A 424 19.22 -22.00 3.97
CA SER A 424 18.69 -22.22 2.61
C SER A 424 19.79 -22.30 1.57
N GLN A 425 19.45 -22.82 0.38
CA GLN A 425 20.37 -22.87 -0.75
C GLN A 425 20.65 -21.40 -1.20
N GLU A 426 19.56 -20.59 -1.25
CA GLU A 426 19.58 -19.16 -1.58
C GLU A 426 19.05 -18.33 -0.38
N PRO A 427 19.95 -17.85 0.53
CA PRO A 427 19.49 -17.09 1.71
C PRO A 427 18.96 -15.69 1.40
N ILE A 428 18.12 -15.15 2.32
CA ILE A 428 17.50 -13.84 2.21
C ILE A 428 18.16 -12.87 3.21
N LEU A 429 18.75 -11.80 2.68
CA LEU A 429 19.40 -10.76 3.45
C LEU A 429 18.71 -9.44 3.16
N PHE A 430 18.37 -8.71 4.22
CA PHE A 430 17.68 -7.43 4.12
C PHE A 430 18.67 -6.32 3.75
N SER A 431 18.15 -5.23 3.17
CA SER A 431 18.96 -4.10 2.76
C SER A 431 19.30 -3.23 3.95
N CYS A 432 20.18 -3.76 4.81
CA CYS A 432 20.77 -3.08 5.96
C CYS A 432 22.18 -3.62 6.14
N SER A 433 22.90 -3.19 7.20
CA SER A 433 24.28 -3.61 7.46
C SER A 433 24.40 -5.11 7.65
N ILE A 434 25.61 -5.64 7.43
CA ILE A 434 25.92 -7.06 7.64
C ILE A 434 25.66 -7.40 9.12
N ALA A 435 26.13 -6.52 10.04
CA ALA A 435 25.97 -6.64 11.49
C ALA A 435 24.48 -6.76 11.88
N GLU A 436 23.57 -5.93 11.30
CA GLU A 436 22.11 -5.97 11.53
C GLU A 436 21.52 -7.30 11.04
N ASN A 437 22.00 -7.78 9.86
CA ASN A 437 21.58 -9.03 9.27
C ASN A 437 21.97 -10.20 10.17
N ILE A 438 23.23 -10.23 10.69
CA ILE A 438 23.71 -11.27 11.60
C ILE A 438 22.91 -11.21 12.93
N ALA A 439 22.73 -9.98 13.51
CA ALA A 439 22.04 -9.69 14.77
C ALA A 439 20.58 -10.22 14.80
N TYR A 440 19.95 -10.30 13.61
CA TYR A 440 18.59 -10.77 13.36
C TYR A 440 18.32 -12.17 13.94
N GLY A 441 19.39 -12.99 14.11
CA GLY A 441 19.32 -14.33 14.67
C GLY A 441 18.90 -14.31 16.13
N ALA A 442 19.37 -13.30 16.89
CA ALA A 442 19.08 -13.13 18.31
C ALA A 442 17.61 -12.78 18.58
N ASP A 443 17.07 -13.23 19.74
CA ASP A 443 15.71 -12.90 20.19
C ASP A 443 15.56 -11.38 20.34
N ASP A 444 16.68 -10.69 20.68
CA ASP A 444 16.80 -9.25 20.87
C ASP A 444 18.00 -8.72 20.04
N PRO A 445 17.80 -8.45 18.71
CA PRO A 445 18.92 -8.00 17.87
C PRO A 445 19.56 -6.65 18.26
N SER A 446 18.87 -5.81 19.04
CA SER A 446 19.47 -4.53 19.45
C SER A 446 20.37 -4.71 20.68
N SER A 447 20.14 -5.80 21.44
CA SER A 447 20.87 -6.17 22.65
C SER A 447 22.20 -6.91 22.34
N VAL A 448 22.43 -7.37 21.07
CA VAL A 448 23.70 -8.07 20.77
C VAL A 448 24.85 -7.09 20.74
N THR A 449 25.98 -7.55 21.30
CA THR A 449 27.26 -6.84 21.36
C THR A 449 28.06 -7.11 20.09
N ALA A 450 29.01 -6.22 19.76
CA ALA A 450 29.90 -6.35 18.59
C ALA A 450 30.74 -7.63 18.69
N GLU A 451 31.07 -8.05 19.93
CA GLU A 451 31.86 -9.24 20.25
C GLU A 451 31.11 -10.53 19.86
N GLU A 452 29.78 -10.57 20.11
CA GLU A 452 28.92 -11.72 19.78
C GLU A 452 28.77 -11.90 18.27
N ILE A 453 28.59 -10.76 17.53
CA ILE A 453 28.48 -10.71 16.07
C ILE A 453 29.81 -11.16 15.45
N GLN A 454 30.95 -10.69 15.98
CA GLN A 454 32.28 -11.03 15.49
C GLN A 454 32.58 -12.53 15.72
N ARG A 455 32.18 -13.08 16.89
CA ARG A 455 32.40 -14.48 17.27
C ARG A 455 31.74 -15.44 16.28
N VAL A 456 30.41 -15.30 16.06
CA VAL A 456 29.64 -16.15 15.12
C VAL A 456 30.17 -15.96 13.68
N ALA A 457 30.63 -14.74 13.31
CA ALA A 457 31.22 -14.44 12.01
C ALA A 457 32.54 -15.21 11.79
N GLU A 458 33.30 -15.49 12.88
CA GLU A 458 34.54 -16.27 12.80
C GLU A 458 34.23 -17.76 12.54
N VAL A 459 33.32 -18.33 13.36
CA VAL A 459 32.85 -19.72 13.33
C VAL A 459 32.22 -20.04 11.94
N ALA A 460 31.43 -19.09 11.40
CA ALA A 460 30.76 -19.20 10.10
C ALA A 460 31.70 -18.98 8.91
N ASN A 461 33.03 -18.67 9.17
CA ASN A 461 34.10 -18.38 8.20
C ASN A 461 33.73 -17.17 7.32
N ALA A 462 33.07 -16.19 7.94
CA ALA A 462 32.56 -14.98 7.30
C ALA A 462 33.36 -13.71 7.62
N VAL A 463 34.06 -13.66 8.77
CA VAL A 463 34.79 -12.49 9.30
C VAL A 463 35.84 -11.90 8.29
N ALA A 464 36.54 -12.75 7.52
CA ALA A 464 37.56 -12.26 6.59
C ALA A 464 36.97 -11.47 5.44
N PHE A 465 35.88 -11.96 4.78
CA PHE A 465 35.33 -11.23 3.63
C PHE A 465 34.58 -9.98 4.08
N ILE A 466 33.99 -10.00 5.31
CA ILE A 466 33.23 -8.88 5.89
C ILE A 466 34.23 -7.72 6.19
N ARG A 467 35.34 -8.02 6.90
CA ARG A 467 36.37 -7.03 7.21
C ARG A 467 37.13 -6.57 5.96
N ASN A 468 37.06 -7.36 4.86
CA ASN A 468 37.70 -7.03 3.59
C ASN A 468 36.83 -6.04 2.80
N PHE A 469 35.69 -5.62 3.40
CA PHE A 469 34.81 -4.59 2.85
C PHE A 469 35.25 -3.23 3.39
N PRO A 470 35.23 -2.14 2.58
CA PRO A 470 35.64 -0.81 3.09
C PRO A 470 34.89 -0.40 4.36
N GLN A 471 33.57 -0.70 4.43
CA GLN A 471 32.73 -0.38 5.58
C GLN A 471 32.65 -1.51 6.62
N GLY A 472 33.16 -2.70 6.28
CA GLY A 472 33.18 -3.84 7.19
C GLY A 472 31.82 -4.39 7.55
N PHE A 473 31.52 -4.49 8.86
CA PHE A 473 30.23 -4.97 9.33
C PHE A 473 29.13 -3.94 9.09
N ASN A 474 29.49 -2.70 8.67
CA ASN A 474 28.57 -1.61 8.37
C ASN A 474 28.18 -1.58 6.88
N THR A 475 28.72 -2.53 6.08
CA THR A 475 28.42 -2.67 4.66
C THR A 475 26.95 -3.07 4.48
N VAL A 476 26.18 -2.19 3.83
CA VAL A 476 24.76 -2.40 3.54
C VAL A 476 24.66 -3.44 2.42
N VAL A 477 24.03 -4.57 2.74
CA VAL A 477 23.85 -5.68 1.80
C VAL A 477 22.39 -5.69 1.28
N GLY A 478 21.86 -6.87 0.92
CA GLY A 478 20.52 -7.03 0.38
C GLY A 478 20.43 -6.67 -1.09
N GLU A 479 19.22 -6.36 -1.57
CA GLU A 479 18.97 -5.99 -2.97
C GLU A 479 19.39 -4.55 -3.25
N LYS A 480 18.95 -3.59 -2.40
CA LYS A 480 19.25 -2.16 -2.53
C LYS A 480 20.73 -1.83 -2.18
N GLY A 481 21.51 -2.84 -1.78
CA GLY A 481 22.92 -2.70 -1.42
C GLY A 481 23.89 -3.62 -2.13
N VAL A 482 25.10 -3.76 -1.54
CA VAL A 482 26.24 -4.57 -2.01
C VAL A 482 25.82 -6.03 -2.24
N LEU A 483 25.95 -6.51 -3.50
CA LEU A 483 25.62 -7.87 -3.89
C LEU A 483 26.75 -8.82 -3.50
N LEU A 484 26.41 -9.88 -2.73
CA LEU A 484 27.33 -10.91 -2.25
C LEU A 484 27.24 -12.18 -3.06
N SER A 485 28.33 -12.97 -3.08
CA SER A 485 28.35 -14.28 -3.75
C SER A 485 27.48 -15.25 -2.96
N GLY A 486 27.13 -16.38 -3.57
CA GLY A 486 26.29 -17.39 -2.92
C GLY A 486 26.84 -17.90 -1.61
N GLY A 487 28.15 -18.14 -1.60
CA GLY A 487 28.92 -18.61 -0.44
C GLY A 487 28.96 -17.59 0.68
N GLN A 488 29.08 -16.29 0.31
CA GLN A 488 29.11 -15.17 1.24
C GLN A 488 27.74 -15.01 1.91
N LYS A 489 26.65 -15.09 1.12
CA LYS A 489 25.26 -15.01 1.61
C LYS A 489 24.99 -16.16 2.60
N GLN A 490 25.42 -17.40 2.23
CA GLN A 490 25.26 -18.62 3.02
C GLN A 490 26.01 -18.57 4.33
N ARG A 491 27.25 -18.05 4.34
CA ARG A 491 28.06 -17.95 5.56
C ARG A 491 27.45 -16.92 6.53
N ILE A 492 26.86 -15.82 6.02
CA ILE A 492 26.16 -14.83 6.84
C ILE A 492 24.84 -15.48 7.38
N ALA A 493 24.23 -16.38 6.59
CA ALA A 493 23.05 -17.13 7.01
C ALA A 493 23.43 -18.05 8.16
N ILE A 494 24.64 -18.69 8.09
CA ILE A 494 25.20 -19.57 9.13
C ILE A 494 25.54 -18.75 10.40
N ALA A 495 26.09 -17.52 10.22
CA ALA A 495 26.41 -16.60 11.33
C ALA A 495 25.15 -16.27 12.11
N ARG A 496 24.06 -16.00 11.39
CA ARG A 496 22.72 -15.71 11.91
C ARG A 496 22.14 -16.96 12.63
N ALA A 497 22.31 -18.15 12.06
CA ALA A 497 21.89 -19.43 12.66
C ALA A 497 22.65 -19.70 13.99
N LEU A 498 23.99 -19.52 13.98
CA LEU A 498 24.85 -19.68 15.15
C LEU A 498 24.45 -18.73 16.27
N LEU A 499 24.10 -17.46 15.94
CA LEU A 499 23.65 -16.46 16.91
C LEU A 499 22.29 -16.85 17.47
N LYS A 500 21.40 -17.40 16.61
CA LYS A 500 20.08 -17.89 17.05
C LYS A 500 20.30 -19.04 18.06
N ASN A 501 21.28 -19.94 17.73
CA ASN A 501 21.65 -21.12 18.51
C ASN A 501 20.44 -22.05 18.67
N PRO A 502 19.87 -22.59 17.56
CA PRO A 502 18.68 -23.44 17.70
C PRO A 502 19.03 -24.89 18.05
N LYS A 503 18.07 -25.61 18.68
CA LYS A 503 18.32 -27.02 18.97
C LYS A 503 18.05 -27.83 17.70
N ILE A 504 17.07 -27.38 16.87
CA ILE A 504 16.73 -28.04 15.61
C ILE A 504 17.26 -27.18 14.47
N LEU A 505 17.88 -27.82 13.47
CA LEU A 505 18.43 -27.16 12.30
C LEU A 505 17.93 -27.79 11.01
N LEU A 506 17.39 -26.98 10.08
CA LEU A 506 16.90 -27.44 8.78
C LEU A 506 17.79 -26.91 7.64
N LEU A 507 18.52 -27.81 6.98
CA LEU A 507 19.41 -27.43 5.89
C LEU A 507 18.86 -27.86 4.57
N ASP A 508 18.90 -26.94 3.58
CA ASP A 508 18.55 -27.21 2.20
C ASP A 508 19.85 -27.15 1.42
N GLU A 509 20.36 -28.32 0.96
CA GLU A 509 21.64 -28.38 0.27
C GLU A 509 21.56 -27.81 -1.15
N ALA A 510 22.49 -26.90 -1.47
CA ALA A 510 22.60 -26.18 -2.71
C ALA A 510 23.39 -26.98 -3.76
N THR A 511 22.65 -27.71 -4.61
CA THR A 511 23.22 -28.53 -5.69
C THR A 511 23.41 -27.68 -6.96
N SER A 512 22.69 -26.54 -7.05
CA SER A 512 22.69 -25.60 -8.18
C SER A 512 24.05 -24.88 -8.37
N ALA A 513 24.63 -24.28 -7.30
CA ALA A 513 25.90 -23.54 -7.38
C ALA A 513 26.75 -23.63 -6.09
N LEU A 514 28.09 -23.78 -6.27
CA LEU A 514 29.16 -23.86 -5.26
C LEU A 514 30.53 -23.97 -5.95
N ASP A 515 31.51 -23.09 -5.60
CA ASP A 515 32.85 -23.09 -6.20
C ASP A 515 33.93 -23.51 -5.18
N ALA A 516 35.08 -24.03 -5.69
CA ALA A 516 36.25 -24.54 -4.96
C ALA A 516 36.66 -23.71 -3.72
N GLU A 517 36.68 -22.36 -3.84
CA GLU A 517 37.05 -21.43 -2.77
C GLU A 517 35.97 -21.37 -1.65
N ASN A 518 34.71 -21.09 -2.04
CA ASN A 518 33.55 -20.98 -1.14
C ASN A 518 33.19 -22.31 -0.50
N GLU A 519 32.94 -23.37 -1.33
CA GLU A 519 32.49 -24.71 -0.93
C GLU A 519 33.23 -25.28 0.29
N TYR A 520 34.56 -25.04 0.41
CA TYR A 520 35.37 -25.53 1.53
C TYR A 520 35.00 -24.83 2.84
N LEU A 521 35.07 -23.48 2.86
CA LEU A 521 34.77 -22.64 4.02
C LEU A 521 33.30 -22.71 4.45
N VAL A 522 32.39 -23.02 3.50
CA VAL A 522 30.95 -23.15 3.77
C VAL A 522 30.71 -24.53 4.42
N GLN A 523 31.35 -25.59 3.89
CA GLN A 523 31.22 -26.95 4.45
C GLN A 523 31.77 -27.03 5.89
N GLU A 524 32.90 -26.37 6.13
CA GLU A 524 33.60 -26.29 7.41
C GLU A 524 32.69 -25.59 8.44
N ALA A 525 32.02 -24.49 8.01
CA ALA A 525 31.11 -23.70 8.82
C ALA A 525 29.80 -24.46 9.10
N LEU A 526 29.27 -25.19 8.08
CA LEU A 526 28.06 -26.02 8.17
C LEU A 526 28.28 -27.19 9.13
N ASP A 527 29.50 -27.74 9.16
CA ASP A 527 29.85 -28.82 10.06
C ASP A 527 29.82 -28.33 11.50
N ARG A 528 30.37 -27.12 11.77
CA ARG A 528 30.39 -26.50 13.12
C ARG A 528 28.96 -26.18 13.59
N LEU A 529 28.12 -25.79 12.62
CA LEU A 529 26.71 -25.45 12.83
C LEU A 529 25.91 -26.71 13.11
N MET A 530 26.08 -27.79 12.31
CA MET A 530 25.37 -29.07 12.46
C MET A 530 25.61 -29.79 13.81
N ASP A 531 26.77 -29.53 14.43
CA ASP A 531 27.20 -30.19 15.66
C ASP A 531 26.30 -29.91 16.86
N GLY A 532 25.90 -30.99 17.52
CA GLY A 532 25.06 -31.01 18.72
C GLY A 532 23.65 -30.54 18.53
N ARG A 533 23.09 -30.73 17.32
CA ARG A 533 21.75 -30.27 16.99
C ARG A 533 20.94 -31.34 16.27
N THR A 534 19.60 -31.31 16.40
CA THR A 534 18.71 -32.19 15.66
C THR A 534 18.70 -31.64 14.24
N VAL A 535 19.35 -32.36 13.30
CA VAL A 535 19.49 -31.87 11.94
C VAL A 535 18.61 -32.66 10.97
N LEU A 536 17.85 -31.90 10.19
CA LEU A 536 17.07 -32.37 9.07
C LEU A 536 17.71 -31.69 7.87
N VAL A 537 18.26 -32.51 6.97
CA VAL A 537 18.98 -32.00 5.83
C VAL A 537 18.39 -32.60 4.56
N ILE A 538 18.03 -31.72 3.62
CA ILE A 538 17.58 -32.07 2.27
C ILE A 538 18.89 -32.29 1.54
N ALA A 539 19.31 -33.56 1.52
CA ALA A 539 20.63 -33.96 1.02
C ALA A 539 20.70 -34.12 -0.50
N HIS A 540 21.80 -33.59 -1.06
CA HIS A 540 22.17 -33.63 -2.48
C HIS A 540 23.61 -34.16 -2.58
N ARG A 541 24.49 -33.79 -1.60
CA ARG A 541 25.86 -34.27 -1.49
C ARG A 541 25.88 -35.69 -0.93
N LEU A 542 26.59 -36.63 -1.61
CA LEU A 542 26.69 -38.05 -1.22
C LEU A 542 27.34 -38.24 0.17
N SER A 543 28.29 -37.35 0.54
CA SER A 543 29.02 -37.38 1.81
C SER A 543 28.08 -37.23 3.02
N THR A 544 27.10 -36.30 2.94
CA THR A 544 26.14 -36.05 4.02
C THR A 544 25.15 -37.23 4.18
N ILE A 545 24.81 -37.94 3.08
CA ILE A 545 23.87 -39.08 3.12
C ILE A 545 24.54 -40.29 3.80
N LYS A 546 25.83 -40.55 3.49
CA LYS A 546 26.58 -41.68 4.07
C LYS A 546 26.83 -41.48 5.58
N ASN A 547 27.16 -40.25 5.99
CA ASN A 547 27.44 -39.89 7.38
C ASN A 547 26.17 -39.71 8.24
N ALA A 548 24.99 -39.43 7.63
CA ALA A 548 23.73 -39.24 8.35
C ALA A 548 23.30 -40.51 9.11
N ASN A 549 22.80 -40.32 10.35
CA ASN A 549 22.29 -41.37 11.23
C ASN A 549 21.20 -42.19 10.55
N MET A 550 20.32 -41.52 9.76
CA MET A 550 19.21 -42.12 9.02
C MET A 550 19.04 -41.41 7.68
N VAL A 551 18.41 -42.11 6.73
CA VAL A 551 18.10 -41.64 5.37
C VAL A 551 16.61 -41.92 5.12
N ALA A 552 15.88 -40.90 4.69
CA ALA A 552 14.45 -41.04 4.41
C ALA A 552 14.19 -40.81 2.93
N VAL A 553 13.55 -41.77 2.29
CA VAL A 553 13.23 -41.68 0.87
C VAL A 553 11.81 -41.16 0.74
N LEU A 554 11.69 -39.98 0.14
CA LEU A 554 10.41 -39.33 -0.13
C LEU A 554 10.03 -39.59 -1.57
N ASP A 555 8.99 -40.39 -1.78
CA ASP A 555 8.50 -40.71 -3.11
C ASP A 555 6.99 -40.55 -3.14
N GLN A 556 6.50 -39.63 -3.99
CA GLN A 556 5.09 -39.29 -4.20
C GLN A 556 4.43 -38.86 -2.87
N GLY A 557 5.13 -38.01 -2.11
CA GLY A 557 4.67 -37.46 -0.83
C GLY A 557 4.51 -38.39 0.35
N LYS A 558 5.33 -39.45 0.42
CA LYS A 558 5.32 -40.49 1.45
C LYS A 558 6.75 -41.01 1.72
N ILE A 559 7.03 -41.48 2.95
CA ILE A 559 8.35 -42.03 3.26
C ILE A 559 8.28 -43.54 2.92
N THR A 560 8.75 -43.87 1.72
CA THR A 560 8.72 -45.20 1.11
C THR A 560 9.80 -46.13 1.75
N GLU A 561 10.99 -45.58 2.05
CA GLU A 561 12.10 -46.31 2.67
C GLU A 561 12.82 -45.42 3.68
N TYR A 562 13.17 -45.99 4.83
CA TYR A 562 13.85 -45.31 5.94
C TYR A 562 14.85 -46.27 6.60
N GLY A 563 16.07 -45.79 6.79
CA GLY A 563 17.15 -46.55 7.41
C GLY A 563 18.50 -45.97 7.06
N LYS A 564 19.58 -46.61 7.55
CA LYS A 564 20.95 -46.18 7.26
C LYS A 564 21.27 -46.40 5.78
N HIS A 565 22.10 -45.51 5.20
CA HIS A 565 22.49 -45.52 3.77
C HIS A 565 22.90 -46.91 3.25
N GLU A 566 23.69 -47.67 4.05
CA GLU A 566 24.17 -49.01 3.70
C GLU A 566 23.02 -50.03 3.63
N GLU A 567 22.10 -50.03 4.63
CA GLU A 567 20.94 -50.93 4.71
C GLU A 567 19.90 -50.62 3.63
N LEU A 568 19.97 -49.41 3.03
CA LEU A 568 19.06 -48.93 1.98
C LEU A 568 19.49 -49.41 0.58
N LEU A 569 20.80 -49.64 0.38
CA LEU A 569 21.38 -50.10 -0.90
C LEU A 569 21.11 -51.60 -1.12
N SER A 570 21.06 -52.39 -0.03
CA SER A 570 20.82 -53.83 -0.06
C SER A 570 19.32 -54.18 -0.03
N LYS A 571 18.43 -53.19 0.21
CA LYS A 571 16.98 -53.41 0.29
C LYS A 571 16.38 -53.65 -1.15
N PRO A 572 16.20 -52.66 -2.08
CA PRO A 572 15.61 -52.99 -3.40
C PRO A 572 16.60 -53.71 -4.31
#